data_8BXQ
#
_entry.id   8BXQ
#
_cell.length_a   81.939
_cell.length_b   111.903
_cell.length_c   62.614
_cell.angle_alpha   90.00
_cell.angle_beta   90.00
_cell.angle_gamma   90.00
#
_symmetry.space_group_name_H-M   'C 2 2 21'
#
loop_
_entity.id
_entity.type
_entity.pdbx_description
1 polymer '14-3-3 protein sigma'
2 polymer 'ERalpha peptide'
3 non-polymer ~{N}-[3-(5-carbamimidoylthiophen-3-yl)phenyl]-1-phenoxy-cyclohexane-1-carboxamide
4 water water
#
loop_
_entity_poly.entity_id
_entity_poly.type
_entity_poly.pdbx_seq_one_letter_code
_entity_poly.pdbx_strand_id
1 'polypeptide(L)'
;GAMGSMERASLIQKAKLAEQAERYEDMAAFMKGAVEKGEELSCEERNLLSVAYKNVVGGQRAAWRVLSSIEQKSNEEGSE
EKGPEVREYREKVETELQGVCDTVLGLLDSHLIKEAGDAESRVFYLKMKGDYYRYLAEVATGDDKKRIIDSARSAYQEAM
DISKKEMPPTNPIRLGLALNFSVFHYEIANSPEEAISLAKTTFDEAMADLHTLSEDSYKDSTLIMQLLRDNLTLWT
;
A
2 'polypeptide(L)' FPA(TPO)V B
#
loop_
_chem_comp.id
_chem_comp.type
_chem_comp.name
_chem_comp.formula
S3U non-polymer ~{N}-[3-(5-carbamimidoylthiophen-3-yl)phenyl]-1-phenoxy-cyclohexane-1-carboxamide 'C24 H25 N3 O2 S'
#
# COMPACT_ATOMS: atom_id res chain seq x y z
N GLY A 1 -0.81 22.94 8.97
CA GLY A 1 -1.89 22.20 8.25
C GLY A 1 -3.11 23.07 8.01
N ALA A 2 -3.48 23.18 6.72
CA ALA A 2 -4.63 23.99 6.34
C ALA A 2 -5.95 23.40 6.80
N MET A 3 -5.96 22.17 7.34
CA MET A 3 -7.18 21.59 7.90
C MET A 3 -7.28 21.79 9.41
N GLY A 4 -6.35 22.54 10.00
CA GLY A 4 -6.33 22.67 11.44
C GLY A 4 -7.56 23.32 12.02
N SER A 5 -8.23 24.17 11.24
CA SER A 5 -9.42 24.86 11.75
C SER A 5 -10.71 24.08 11.51
N MET A 6 -10.67 22.95 10.80
CA MET A 6 -11.89 22.21 10.52
C MET A 6 -12.11 21.12 11.57
N GLU A 7 -13.35 20.96 12.02
CA GLU A 7 -13.70 19.87 12.93
C GLU A 7 -13.29 18.51 12.40
N ARG A 8 -12.84 17.66 13.33
CA ARG A 8 -12.53 16.27 12.96
C ARG A 8 -13.70 15.62 12.23
N ALA A 9 -14.92 15.75 12.78
CA ALA A 9 -16.06 15.06 12.19
C ALA A 9 -16.35 15.58 10.79
N SER A 10 -16.16 16.89 10.60
CA SER A 10 -16.35 17.52 9.29
C SER A 10 -15.33 17.02 8.27
N LEU A 11 -14.08 16.83 8.70
CA LEU A 11 -13.05 16.28 7.83
C LEU A 11 -13.42 14.87 7.38
N ILE A 12 -13.91 14.05 8.30
CA ILE A 12 -14.31 12.69 7.96
C ILE A 12 -15.50 12.70 7.01
N GLN A 13 -16.48 13.59 7.27
CA GLN A 13 -17.64 13.71 6.39
C GLN A 13 -17.20 14.12 4.99
N LYS A 14 -16.28 15.08 4.90
CA LYS A 14 -15.85 15.54 3.60
C LYS A 14 -14.98 14.50 2.90
N ALA A 15 -14.19 13.72 3.65
CA ALA A 15 -13.46 12.62 3.02
C ALA A 15 -14.42 11.67 2.32
N LYS A 16 -15.56 11.36 2.97
CA LYS A 16 -16.55 10.46 2.35
C LYS A 16 -17.18 11.10 1.12
N LEU A 17 -17.44 12.39 1.17
CA LEU A 17 -17.97 13.09 -0.01
C LEU A 17 -16.96 13.08 -1.14
N ALA A 18 -15.69 13.36 -0.82
CA ALA A 18 -14.63 13.34 -1.81
C ALA A 18 -14.53 11.96 -2.46
N GLU A 19 -14.63 10.90 -1.67
CA GLU A 19 -14.65 9.55 -2.21
C GLU A 19 -15.78 9.38 -3.23
N GLN A 20 -16.98 9.82 -2.88
CA GLN A 20 -18.10 9.65 -3.80
C GLN A 20 -17.87 10.40 -5.09
N ALA A 21 -17.20 11.55 -5.00
CA ALA A 21 -16.87 12.39 -6.16
C ALA A 21 -15.58 11.98 -6.85
N GLU A 22 -14.92 10.90 -6.40
CA GLU A 22 -13.64 10.44 -6.96
C GLU A 22 -12.57 11.53 -6.93
N ARG A 23 -12.59 12.32 -5.86
CA ARG A 23 -11.61 13.39 -5.64
C ARG A 23 -10.63 12.92 -4.58
N TYR A 24 -9.71 12.03 -4.98
CA TYR A 24 -8.91 11.33 -4.00
C TYR A 24 -7.80 12.19 -3.39
N GLU A 25 -7.27 13.17 -4.13
CA GLU A 25 -6.34 14.11 -3.51
C GLU A 25 -7.02 14.85 -2.38
N ASP A 26 -8.23 15.38 -2.61
CA ASP A 26 -8.97 16.03 -1.55
C ASP A 26 -9.22 15.05 -0.39
N MET A 27 -9.66 13.85 -0.72
CA MET A 27 -9.90 12.84 0.31
C MET A 27 -8.70 12.61 1.18
N ALA A 28 -7.52 12.51 0.57
CA ALA A 28 -6.29 12.31 1.33
C ALA A 28 -5.97 13.53 2.20
N ALA A 29 -6.19 14.73 1.69
CA ALA A 29 -5.93 15.93 2.49
C ALA A 29 -6.87 15.99 3.69
N PHE A 30 -8.14 15.65 3.49
CA PHE A 30 -9.10 15.62 4.59
C PHE A 30 -8.68 14.60 5.63
N MET A 31 -8.26 13.40 5.18
CA MET A 31 -7.92 12.36 6.15
C MET A 31 -6.58 12.67 6.85
N LYS A 32 -5.62 13.30 6.17
CA LYS A 32 -4.43 13.79 6.85
C LYS A 32 -4.82 14.77 7.94
N GLY A 33 -5.72 15.71 7.64
CA GLY A 33 -6.21 16.61 8.66
C GLY A 33 -6.81 15.88 9.84
N ALA A 34 -7.59 14.83 9.57
CA ALA A 34 -8.22 14.07 10.65
C ALA A 34 -7.17 13.38 11.51
N VAL A 35 -6.18 12.74 10.88
CA VAL A 35 -5.13 12.10 11.65
C VAL A 35 -4.44 13.12 12.54
N GLU A 36 -4.16 14.29 12.00
CA GLU A 36 -3.42 15.31 12.75
C GLU A 36 -4.23 15.90 13.90
N LYS A 37 -5.52 15.58 14.04
CA LYS A 37 -6.21 15.92 15.26
C LYS A 37 -5.68 15.16 16.47
N GLY A 38 -4.95 14.07 16.24
CA GLY A 38 -4.24 13.40 17.31
C GLY A 38 -4.96 12.22 17.94
N GLU A 39 -6.26 12.04 17.66
CA GLU A 39 -7.01 10.91 18.17
C GLU A 39 -6.74 9.66 17.32
N GLU A 40 -6.88 8.49 17.94
CA GLU A 40 -6.83 7.25 17.18
C GLU A 40 -7.95 7.22 16.14
N LEU A 41 -7.74 6.39 15.13
CA LEU A 41 -8.70 6.21 14.05
C LEU A 41 -9.53 4.95 14.27
N SER A 42 -10.82 5.06 14.00
CA SER A 42 -11.67 3.89 13.98
C SER A 42 -11.39 3.03 12.74
N CYS A 43 -12.03 1.86 12.68
CA CYS A 43 -11.88 1.00 11.52
C CYS A 43 -12.27 1.72 10.23
N GLU A 44 -13.44 2.34 10.22
CA GLU A 44 -13.88 3.04 9.01
C GLU A 44 -12.89 4.13 8.65
N GLU A 45 -12.47 4.89 9.65
CA GLU A 45 -11.54 6.01 9.39
C GLU A 45 -10.20 5.52 8.83
N ARG A 46 -9.66 4.41 9.37
CA ARG A 46 -8.41 3.86 8.84
C ARG A 46 -8.56 3.52 7.37
N ASN A 47 -9.70 2.95 7.00
CA ASN A 47 -9.90 2.58 5.60
C ASN A 47 -10.11 3.80 4.73
N LEU A 48 -10.71 4.87 5.25
CA LEU A 48 -10.80 6.10 4.46
C LEU A 48 -9.41 6.63 4.17
N LEU A 49 -8.54 6.62 5.19
CA LEU A 49 -7.17 7.09 5.00
C LEU A 49 -6.46 6.26 3.95
N SER A 50 -6.57 4.93 4.05
CA SER A 50 -5.85 4.05 3.15
C SER A 50 -6.38 4.16 1.74
N VAL A 51 -7.71 4.19 1.56
CA VAL A 51 -8.28 4.31 0.22
C VAL A 51 -7.78 5.57 -0.46
N ALA A 52 -7.77 6.69 0.28
CA ALA A 52 -7.39 7.97 -0.31
C ALA A 52 -5.97 7.93 -0.83
N TYR A 53 -5.02 7.57 0.02
CA TYR A 53 -3.63 7.62 -0.41
C TYR A 53 -3.32 6.51 -1.40
N LYS A 54 -3.98 5.35 -1.29
CA LYS A 54 -3.74 4.31 -2.28
C LYS A 54 -4.10 4.80 -3.67
N ASN A 55 -5.21 5.53 -3.80
CA ASN A 55 -5.65 6.04 -5.10
C ASN A 55 -4.70 7.12 -5.59
N VAL A 56 -4.28 8.02 -4.70
CA VAL A 56 -3.37 9.08 -5.13
C VAL A 56 -2.05 8.48 -5.60
N VAL A 57 -1.43 7.64 -4.76
CA VAL A 57 -0.12 7.10 -5.14
C VAL A 57 -0.26 6.12 -6.30
N GLY A 58 -1.39 5.44 -6.40
CA GLY A 58 -1.60 4.52 -7.52
C GLY A 58 -1.58 5.25 -8.85
N GLY A 59 -2.18 6.44 -8.90
CA GLY A 59 -2.12 7.22 -10.13
C GLY A 59 -0.72 7.73 -10.42
N GLN A 60 0.01 8.12 -9.38
CA GLN A 60 1.39 8.55 -9.56
C GLN A 60 2.24 7.40 -10.08
N ARG A 61 2.05 6.20 -9.52
CA ARG A 61 2.82 5.04 -9.95
C ARG A 61 2.54 4.73 -11.41
N ALA A 62 1.28 4.79 -11.81
CA ALA A 62 0.95 4.51 -13.20
C ALA A 62 1.61 5.51 -14.13
N ALA A 63 1.60 6.78 -13.75
CA ALA A 63 2.24 7.81 -14.58
C ALA A 63 3.75 7.60 -14.64
N TRP A 64 4.36 7.35 -13.47
CA TRP A 64 5.80 7.07 -13.42
C TRP A 64 6.18 5.92 -14.34
N ARG A 65 5.34 4.87 -14.39
CA ARG A 65 5.68 3.72 -15.23
C ARG A 65 5.64 4.08 -16.71
N VAL A 66 4.64 4.89 -17.10
CA VAL A 66 4.57 5.35 -18.49
C VAL A 66 5.83 6.12 -18.84
N LEU A 67 6.22 7.05 -17.98
CA LEU A 67 7.35 7.93 -18.28
C LEU A 67 8.67 7.16 -18.22
N SER A 68 8.82 6.26 -17.25
CA SER A 68 10.02 5.43 -17.20
C SER A 68 10.17 4.60 -18.46
N SER A 69 9.07 4.05 -18.97
CA SER A 69 9.14 3.26 -20.20
C SER A 69 9.59 4.12 -21.36
N ILE A 70 9.04 5.33 -21.48
CA ILE A 70 9.47 6.25 -22.55
C ILE A 70 10.94 6.57 -22.40
N GLU A 71 11.38 6.80 -21.16
CA GLU A 71 12.77 7.16 -20.89
C GLU A 71 13.70 6.02 -21.27
N GLN A 72 13.33 4.79 -20.92
CA GLN A 72 14.18 3.65 -21.26
C GLN A 72 14.30 3.49 -22.77
N LYS A 73 13.21 3.69 -23.51
CA LYS A 73 13.30 3.61 -24.97
C LYS A 73 14.20 4.70 -25.53
N SER A 74 14.12 5.90 -24.98
CA SER A 74 14.98 6.99 -25.45
C SER A 74 16.45 6.68 -25.27
N ASN A 75 16.78 5.69 -24.44
CA ASN A 75 18.17 5.33 -24.14
C ASN A 75 18.62 4.06 -24.85
N GLU A 76 17.79 3.48 -25.72
CA GLU A 76 18.20 2.30 -26.46
C GLU A 76 19.12 2.70 -27.63
N GLU A 77 19.84 1.71 -28.14
CA GLU A 77 20.67 1.92 -29.32
C GLU A 77 19.79 2.25 -30.53
N GLY A 78 20.02 3.41 -31.14
CA GLY A 78 19.28 3.84 -32.30
C GLY A 78 18.37 5.02 -32.08
N SER A 79 18.12 5.40 -30.82
CA SER A 79 17.18 6.46 -30.52
C SER A 79 17.78 7.82 -30.81
N GLU A 80 16.96 8.74 -31.30
CA GLU A 80 17.36 10.12 -31.47
C GLU A 80 17.35 10.82 -30.10
N GLU A 81 18.39 11.60 -29.84
CA GLU A 81 18.45 12.38 -28.61
C GLU A 81 17.28 13.36 -28.55
N LYS A 82 16.46 13.25 -27.50
CA LYS A 82 15.33 14.16 -27.31
C LYS A 82 15.63 15.24 -26.28
N GLY A 83 16.79 15.19 -25.63
CA GLY A 83 17.14 16.17 -24.63
C GLY A 83 16.77 15.69 -23.24
N PRO A 84 16.85 16.59 -22.26
CA PRO A 84 16.64 16.20 -20.87
C PRO A 84 15.18 16.09 -20.45
N GLU A 85 14.21 16.36 -21.34
CA GLU A 85 12.86 16.60 -20.88
C GLU A 85 12.20 15.34 -20.31
N VAL A 86 12.41 14.19 -20.94
CA VAL A 86 11.77 12.96 -20.46
C VAL A 86 12.26 12.64 -19.06
N ARG A 87 13.58 12.68 -18.88
CA ARG A 87 14.17 12.47 -17.56
C ARG A 87 13.66 13.49 -16.55
N GLU A 88 13.64 14.78 -16.94
CA GLU A 88 13.18 15.82 -16.02
C GLU A 88 11.75 15.55 -15.56
N TYR A 89 10.86 15.22 -16.50
CA TYR A 89 9.46 15.08 -16.13
C TYR A 89 9.24 13.78 -15.35
N ARG A 90 9.94 12.70 -15.71
CA ARG A 90 9.90 11.50 -14.88
C ARG A 90 10.35 11.81 -13.46
N GLU A 91 11.44 12.58 -13.32
CA GLU A 91 11.93 13.01 -12.01
C GLU A 91 10.90 13.84 -11.26
N LYS A 92 10.18 14.71 -11.97
CA LYS A 92 9.15 15.53 -11.34
C LYS A 92 8.06 14.66 -10.74
N VAL A 93 7.55 13.72 -11.52
CA VAL A 93 6.51 12.81 -11.02
C VAL A 93 7.06 11.96 -9.88
N GLU A 94 8.28 11.47 -10.04
CA GLU A 94 8.91 10.67 -9.00
C GLU A 94 9.01 11.42 -7.69
N THR A 95 9.43 12.69 -7.75
CA THR A 95 9.60 13.46 -6.53
C THR A 95 8.25 13.70 -5.85
N GLU A 96 7.20 13.91 -6.64
CA GLU A 96 5.87 14.07 -6.08
C GLU A 96 5.38 12.78 -5.43
N LEU A 97 5.62 11.65 -6.09
CA LEU A 97 5.32 10.34 -5.51
C LEU A 97 6.06 10.12 -4.20
N GLN A 98 7.36 10.39 -4.18
CA GLN A 98 8.13 10.24 -2.94
C GLN A 98 7.56 11.13 -1.86
N GLY A 99 7.10 12.33 -2.24
CA GLY A 99 6.54 13.21 -1.26
C GLY A 99 5.28 12.65 -0.62
N VAL A 100 4.41 12.06 -1.43
CA VAL A 100 3.19 11.45 -0.91
C VAL A 100 3.54 10.29 0.01
N CYS A 101 4.46 9.42 -0.42
CA CYS A 101 4.88 8.30 0.43
C CYS A 101 5.44 8.80 1.75
N ASP A 102 6.33 9.80 1.70
CA ASP A 102 6.88 10.36 2.92
C ASP A 102 5.79 10.93 3.83
N THR A 103 4.77 11.55 3.23
CA THR A 103 3.66 12.08 4.03
C THR A 103 2.94 10.97 4.76
N VAL A 104 2.59 9.89 4.05
CA VAL A 104 1.88 8.78 4.68
C VAL A 104 2.75 8.17 5.75
N LEU A 105 4.02 7.91 5.43
CA LEU A 105 4.92 7.31 6.40
C LEU A 105 5.06 8.20 7.62
N GLY A 106 5.04 9.52 7.41
CA GLY A 106 5.10 10.44 8.53
C GLY A 106 3.88 10.37 9.42
N LEU A 107 2.69 10.20 8.83
CA LEU A 107 1.50 10.04 9.65
C LEU A 107 1.56 8.76 10.47
N LEU A 108 2.05 7.67 9.85
CA LEU A 108 2.15 6.41 10.57
C LEU A 108 3.14 6.52 11.71
N ASP A 109 4.23 7.27 11.51
CA ASP A 109 5.25 7.43 12.54
C ASP A 109 4.88 8.49 13.58
N SER A 110 3.95 9.38 13.27
CA SER A 110 3.57 10.47 14.18
C SER A 110 2.06 10.68 14.17
N HIS A 111 1.30 9.84 14.91
CA HIS A 111 1.80 8.82 15.83
C HIS A 111 0.89 7.61 15.78
N LEU A 112 0.44 7.27 14.58
CA LEU A 112 -0.58 6.23 14.46
C LEU A 112 -0.08 4.87 14.95
N ILE A 113 1.11 4.45 14.53
CA ILE A 113 1.59 3.12 14.88
C ILE A 113 1.83 3.01 16.38
N LYS A 114 2.47 4.01 16.98
CA LYS A 114 2.84 3.84 18.38
C LYS A 114 1.62 3.78 19.29
N GLU A 115 0.48 4.35 18.89
CA GLU A 115 -0.74 4.26 19.70
C GLU A 115 -1.62 3.09 19.34
N ALA A 116 -1.26 2.31 18.32
CA ALA A 116 -2.08 1.20 17.83
C ALA A 116 -1.73 -0.06 18.60
N GLY A 117 -2.64 -0.50 19.45
CA GLY A 117 -2.44 -1.68 20.29
C GLY A 117 -3.25 -2.89 19.87
N ASP A 118 -4.43 -2.67 19.30
CA ASP A 118 -5.21 -3.80 18.83
C ASP A 118 -4.65 -4.35 17.54
N ALA A 119 -4.76 -5.66 17.35
CA ALA A 119 -4.21 -6.28 16.14
C ALA A 119 -4.76 -5.63 14.87
N GLU A 120 -6.07 -5.36 14.83
CA GLU A 120 -6.65 -4.89 13.58
C GLU A 120 -6.13 -3.51 13.20
N SER A 121 -5.76 -2.69 14.18
CA SER A 121 -5.20 -1.39 13.84
C SER A 121 -3.71 -1.51 13.58
N ARG A 122 -2.99 -2.17 14.49
CA ARG A 122 -1.53 -2.24 14.35
C ARG A 122 -1.11 -2.96 13.09
N VAL A 123 -1.76 -4.09 12.76
CA VAL A 123 -1.40 -4.81 11.54
C VAL A 123 -1.74 -3.95 10.33
N PHE A 124 -2.91 -3.29 10.35
CA PHE A 124 -3.32 -2.41 9.26
C PHE A 124 -2.25 -1.34 8.99
N TYR A 125 -1.80 -0.66 10.04
CA TYR A 125 -0.82 0.40 9.86
C TYR A 125 0.54 -0.13 9.43
N LEU A 126 0.98 -1.26 10.00
CA LEU A 126 2.26 -1.80 9.61
C LEU A 126 2.25 -2.28 8.15
N LYS A 127 1.12 -2.85 7.70
CA LYS A 127 0.96 -3.15 6.27
C LYS A 127 1.13 -1.89 5.42
N MET A 128 0.46 -0.79 5.81
CA MET A 128 0.59 0.48 5.08
C MET A 128 2.05 0.90 5.05
N LYS A 129 2.76 0.78 6.19
CA LYS A 129 4.16 1.18 6.22
C LYS A 129 4.97 0.36 5.24
N GLY A 130 4.75 -0.95 5.20
CA GLY A 130 5.40 -1.78 4.19
C GLY A 130 5.05 -1.36 2.77
N ASP A 131 3.76 -1.11 2.51
CA ASP A 131 3.31 -0.70 1.19
C ASP A 131 3.99 0.58 0.71
N TYR A 132 4.07 1.61 1.57
CA TYR A 132 4.61 2.89 1.10
C TYR A 132 6.13 2.87 1.02
N TYR A 133 6.82 2.05 1.85
CA TYR A 133 8.24 1.82 1.56
C TYR A 133 8.41 1.02 0.28
N ARG A 134 7.50 0.09 -0.02
CA ARG A 134 7.56 -0.64 -1.28
C ARG A 134 7.44 0.31 -2.47
N TYR A 135 6.52 1.28 -2.40
CA TYR A 135 6.40 2.25 -3.49
C TYR A 135 7.67 3.09 -3.62
N LEU A 136 8.27 3.49 -2.49
CA LEU A 136 9.56 4.16 -2.57
C LEU A 136 10.61 3.25 -3.20
N ALA A 137 10.60 1.96 -2.86
CA ALA A 137 11.57 1.03 -3.45
C ALA A 137 11.41 0.91 -4.97
N GLU A 138 10.18 1.00 -5.47
CA GLU A 138 9.93 0.85 -6.90
C GLU A 138 10.69 1.89 -7.71
N VAL A 139 10.92 3.07 -7.16
CA VAL A 139 11.60 4.16 -7.87
C VAL A 139 13.01 4.41 -7.37
N ALA A 140 13.47 3.66 -6.38
CA ALA A 140 14.75 3.90 -5.75
C ALA A 140 15.87 3.33 -6.60
N THR A 141 16.98 4.08 -6.67
CA THR A 141 18.15 3.70 -7.46
C THR A 141 19.49 4.04 -6.81
N GLY A 142 19.52 4.64 -5.61
CA GLY A 142 20.73 5.19 -5.04
C GLY A 142 21.25 4.42 -3.84
N ASP A 143 22.10 5.12 -3.06
CA ASP A 143 22.76 4.52 -1.90
C ASP A 143 21.77 3.95 -0.88
N ASP A 144 20.51 4.41 -0.92
CA ASP A 144 19.52 4.08 0.09
C ASP A 144 18.57 2.97 -0.34
N LYS A 145 18.71 2.45 -1.55
CA LYS A 145 17.73 1.50 -2.07
C LYS A 145 17.66 0.24 -1.21
N LYS A 146 18.81 -0.31 -0.83
CA LYS A 146 18.78 -1.49 0.02
C LYS A 146 18.10 -1.18 1.34
N ARG A 147 18.31 0.02 1.89
CA ARG A 147 17.74 0.33 3.19
C ARG A 147 16.24 0.54 3.06
N ILE A 148 15.78 1.12 1.94
CA ILE A 148 14.35 1.29 1.72
C ILE A 148 13.69 -0.08 1.63
N ILE A 149 14.30 -1.00 0.88
CA ILE A 149 13.79 -2.36 0.78
C ILE A 149 13.73 -3.01 2.14
N ASP A 150 14.77 -2.84 2.94
CA ASP A 150 14.76 -3.49 4.25
C ASP A 150 13.72 -2.86 5.17
N SER A 151 13.45 -1.55 5.03
CA SER A 151 12.39 -0.91 5.80
C SER A 151 11.03 -1.49 5.44
N ALA A 152 10.77 -1.70 4.14
CA ALA A 152 9.52 -2.36 3.74
C ALA A 152 9.44 -3.77 4.34
N ARG A 153 10.50 -4.56 4.15
CA ARG A 153 10.55 -5.92 4.67
C ARG A 153 10.26 -5.96 6.16
N SER A 154 10.91 -5.08 6.93
CA SER A 154 10.77 -5.08 8.36
C SER A 154 9.35 -4.77 8.81
N ALA A 155 8.72 -3.79 8.17
CA ALA A 155 7.33 -3.45 8.51
C ALA A 155 6.39 -4.60 8.18
N TYR A 156 6.52 -5.16 6.96
CA TYR A 156 5.71 -6.32 6.59
C TYR A 156 5.92 -7.47 7.55
N GLN A 157 7.16 -7.70 7.96
CA GLN A 157 7.45 -8.85 8.83
C GLN A 157 6.82 -8.67 10.20
N GLU A 158 6.93 -7.48 10.80
CA GLU A 158 6.26 -7.24 12.07
C GLU A 158 4.75 -7.44 11.95
N ALA A 159 4.16 -6.91 10.88
CA ALA A 159 2.74 -7.10 10.63
C ALA A 159 2.41 -8.59 10.50
N MET A 160 3.24 -9.35 9.77
CA MET A 160 2.98 -10.77 9.60
C MET A 160 3.02 -11.48 10.94
N ASP A 161 4.04 -11.17 11.76
CA ASP A 161 4.17 -11.85 13.04
C ASP A 161 2.95 -11.61 13.93
N ILE A 162 2.49 -10.35 14.00
CA ILE A 162 1.31 -10.05 14.80
C ILE A 162 0.09 -10.76 14.23
N SER A 163 -0.08 -10.74 12.91
CA SER A 163 -1.30 -11.26 12.31
C SER A 163 -1.40 -12.77 12.52
N LYS A 164 -0.28 -13.48 12.47
CA LYS A 164 -0.33 -14.92 12.69
C LYS A 164 -0.65 -15.27 14.13
N LYS A 165 -0.26 -14.40 15.07
CA LYS A 165 -0.53 -14.63 16.48
C LYS A 165 -1.95 -14.25 16.87
N GLU A 166 -2.50 -13.21 16.24
CA GLU A 166 -3.67 -12.54 16.76
C GLU A 166 -4.89 -12.56 15.86
N MET A 167 -4.77 -12.97 14.60
CA MET A 167 -5.93 -12.98 13.74
C MET A 167 -6.12 -14.35 13.09
N PRO A 168 -7.36 -14.71 12.76
CA PRO A 168 -7.59 -15.96 12.05
C PRO A 168 -7.04 -15.87 10.64
N PRO A 169 -6.79 -17.01 10.00
CA PRO A 169 -6.17 -17.00 8.67
C PRO A 169 -7.06 -16.43 7.58
N THR A 170 -8.36 -16.28 7.83
CA THR A 170 -9.26 -15.65 6.87
C THR A 170 -9.43 -14.16 7.09
N ASN A 171 -8.82 -13.58 8.11
CA ASN A 171 -9.01 -12.16 8.36
C ASN A 171 -8.57 -11.36 7.13
N PRO A 172 -9.42 -10.48 6.59
CA PRO A 172 -9.07 -9.82 5.34
C PRO A 172 -7.82 -8.96 5.42
N ILE A 173 -7.55 -8.34 6.59
CA ILE A 173 -6.30 -7.59 6.73
C ILE A 173 -5.11 -8.52 6.65
N ARG A 174 -5.18 -9.64 7.36
CA ARG A 174 -4.11 -10.64 7.27
C ARG A 174 -3.92 -11.12 5.84
N LEU A 175 -5.03 -11.39 5.13
CA LEU A 175 -4.93 -11.85 3.75
C LEU A 175 -4.33 -10.78 2.85
N GLY A 176 -4.76 -9.54 3.00
CA GLY A 176 -4.25 -8.49 2.13
C GLY A 176 -2.80 -8.19 2.41
N LEU A 177 -2.41 -8.26 3.68
CA LEU A 177 -1.02 -8.12 4.05
C LEU A 177 -0.16 -9.18 3.36
N ALA A 178 -0.60 -10.43 3.44
CA ALA A 178 0.16 -11.52 2.82
C ALA A 178 0.21 -11.37 1.31
N LEU A 179 -0.90 -11.01 0.67
CA LEU A 179 -0.90 -10.72 -0.75
C LEU A 179 0.18 -9.72 -1.11
N ASN A 180 0.21 -8.61 -0.38
CA ASN A 180 1.14 -7.53 -0.73
C ASN A 180 2.58 -7.89 -0.39
N PHE A 181 2.81 -8.58 0.73
CA PHE A 181 4.17 -9.00 1.09
C PHE A 181 4.68 -10.00 0.06
N SER A 182 3.78 -10.84 -0.45
CA SER A 182 4.15 -11.76 -1.53
C SER A 182 4.57 -10.99 -2.78
N VAL A 183 3.81 -9.95 -3.15
CA VAL A 183 4.24 -9.11 -4.27
C VAL A 183 5.57 -8.42 -3.99
N PHE A 184 5.77 -7.92 -2.77
CA PHE A 184 7.08 -7.39 -2.39
C PHE A 184 8.18 -8.40 -2.69
N HIS A 185 7.99 -9.65 -2.27
CA HIS A 185 9.02 -10.65 -2.54
C HIS A 185 9.27 -10.80 -4.04
N TYR A 186 8.21 -10.86 -4.84
CA TYR A 186 8.35 -11.14 -6.27
C TYR A 186 8.97 -9.96 -7.02
N GLU A 187 8.46 -8.76 -6.75
CA GLU A 187 8.76 -7.59 -7.58
C GLU A 187 9.89 -6.73 -7.04
N ILE A 188 10.12 -6.73 -5.73
CA ILE A 188 11.09 -5.85 -5.09
C ILE A 188 12.32 -6.63 -4.64
N ALA A 189 12.11 -7.75 -3.94
CA ALA A 189 13.18 -8.47 -3.28
C ALA A 189 13.82 -9.56 -4.14
N ASN A 190 13.38 -9.72 -5.37
CA ASN A 190 13.96 -10.72 -6.27
C ASN A 190 13.87 -12.11 -5.65
N SER A 191 12.76 -12.38 -4.99
CA SER A 191 12.52 -13.65 -4.30
C SER A 191 11.22 -14.27 -4.77
N PRO A 192 11.13 -14.64 -6.05
CA PRO A 192 9.87 -15.22 -6.56
C PRO A 192 9.47 -16.49 -5.83
N GLU A 193 10.42 -17.32 -5.41
CA GLU A 193 10.01 -18.55 -4.73
C GLU A 193 9.36 -18.24 -3.40
N GLU A 194 9.88 -17.26 -2.67
CA GLU A 194 9.26 -16.84 -1.42
C GLU A 194 7.87 -16.27 -1.68
N ALA A 195 7.73 -15.49 -2.75
CA ALA A 195 6.45 -14.91 -3.13
C ALA A 195 5.41 -15.99 -3.38
N ILE A 196 5.79 -17.02 -4.13
CA ILE A 196 4.86 -18.10 -4.47
C ILE A 196 4.52 -18.92 -3.23
N SER A 197 5.52 -19.25 -2.42
CA SER A 197 5.28 -20.02 -1.20
C SER A 197 4.32 -19.29 -0.29
N LEU A 198 4.56 -18.00 -0.08
CA LEU A 198 3.72 -17.23 0.81
C LEU A 198 2.28 -17.19 0.29
N ALA A 199 2.09 -16.94 -1.00
CA ALA A 199 0.74 -16.85 -1.55
C ALA A 199 0.01 -18.18 -1.40
N LYS A 200 0.70 -19.28 -1.67
CA LYS A 200 0.07 -20.59 -1.62
C LYS A 200 -0.30 -20.99 -0.20
N THR A 201 0.64 -20.83 0.74
CA THR A 201 0.36 -21.15 2.13
C THR A 201 -0.77 -20.28 2.68
N THR A 202 -0.75 -18.98 2.36
CA THR A 202 -1.83 -18.10 2.81
C THR A 202 -3.17 -18.58 2.29
N PHE A 203 -3.22 -18.93 0.99
CA PHE A 203 -4.47 -19.37 0.37
C PHE A 203 -4.98 -20.65 1.03
N ASP A 204 -4.08 -21.62 1.22
CA ASP A 204 -4.49 -22.92 1.76
C ASP A 204 -4.94 -22.81 3.21
N GLU A 205 -4.26 -22.00 4.02
CA GLU A 205 -4.68 -21.86 5.40
C GLU A 205 -6.01 -21.11 5.50
N ALA A 206 -6.23 -20.15 4.61
CA ALA A 206 -7.52 -19.48 4.58
C ALA A 206 -8.63 -20.44 4.17
N MET A 207 -8.38 -21.23 3.12
CA MET A 207 -9.38 -22.20 2.66
C MET A 207 -9.90 -23.04 3.82
N ALA A 208 -9.00 -23.52 4.67
CA ALA A 208 -9.36 -24.40 5.76
C ALA A 208 -10.11 -23.73 6.89
N ASP A 209 -10.19 -22.39 6.91
CA ASP A 209 -10.87 -21.66 7.97
C ASP A 209 -12.17 -21.03 7.47
N LEU A 210 -12.49 -21.17 6.18
CA LEU A 210 -13.70 -20.57 5.62
C LEU A 210 -14.96 -21.12 6.30
N HIS A 211 -14.92 -22.37 6.76
CA HIS A 211 -16.12 -22.99 7.34
C HIS A 211 -16.61 -22.28 8.58
N THR A 212 -15.77 -21.43 9.20
CA THR A 212 -16.14 -20.76 10.43
C THR A 212 -16.89 -19.47 10.20
N LEU A 213 -16.99 -19.03 8.95
CA LEU A 213 -17.43 -17.68 8.63
C LEU A 213 -18.90 -17.58 8.25
N SER A 214 -19.45 -16.40 8.50
CA SER A 214 -20.74 -16.04 7.97
C SER A 214 -20.65 -15.82 6.46
N GLU A 215 -21.81 -15.70 5.83
CA GLU A 215 -21.85 -15.45 4.38
C GLU A 215 -21.13 -14.17 4.02
N ASP A 216 -21.32 -13.09 4.80
CA ASP A 216 -20.69 -11.84 4.42
C ASP A 216 -19.17 -11.89 4.63
N SER A 217 -18.74 -12.54 5.71
CA SER A 217 -17.30 -12.68 5.96
C SER A 217 -16.66 -13.59 4.91
N TYR A 218 -17.36 -14.65 4.54
CA TYR A 218 -16.93 -15.52 3.46
C TYR A 218 -16.69 -14.74 2.17
N LYS A 219 -17.60 -13.82 1.83
CA LYS A 219 -17.45 -13.07 0.59
C LYS A 219 -16.19 -12.21 0.61
N ASP A 220 -15.93 -11.57 1.74
CA ASP A 220 -14.74 -10.73 1.86
C ASP A 220 -13.46 -11.55 1.76
N SER A 221 -13.40 -12.66 2.50
CA SER A 221 -12.17 -13.46 2.50
C SER A 221 -11.94 -14.11 1.15
N THR A 222 -12.99 -14.62 0.51
CA THR A 222 -12.76 -15.30 -0.76
C THR A 222 -12.37 -14.31 -1.85
N LEU A 223 -12.81 -13.05 -1.76
CA LEU A 223 -12.37 -12.04 -2.71
C LEU A 223 -10.85 -11.91 -2.71
N ILE A 224 -10.25 -11.82 -1.53
CA ILE A 224 -8.80 -11.65 -1.49
C ILE A 224 -8.09 -12.95 -1.80
N MET A 225 -8.69 -14.09 -1.43
CA MET A 225 -8.12 -15.38 -1.80
C MET A 225 -8.00 -15.48 -3.31
N GLN A 226 -9.00 -14.95 -4.04
CA GLN A 226 -8.96 -14.99 -5.50
C GLN A 226 -7.83 -14.15 -6.05
N LEU A 227 -7.51 -13.03 -5.40
CA LEU A 227 -6.33 -12.26 -5.78
C LEU A 227 -5.05 -13.05 -5.59
N LEU A 228 -4.91 -13.76 -4.46
CA LEU A 228 -3.77 -14.65 -4.26
C LEU A 228 -3.67 -15.67 -5.39
N ARG A 229 -4.80 -16.29 -5.74
CA ARG A 229 -4.81 -17.26 -6.83
C ARG A 229 -4.44 -16.61 -8.16
N ASP A 230 -4.97 -15.41 -8.42
CA ASP A 230 -4.64 -14.68 -9.64
C ASP A 230 -3.12 -14.49 -9.75
N ASN A 231 -2.48 -14.07 -8.66
CA ASN A 231 -1.04 -13.87 -8.71
C ASN A 231 -0.31 -15.19 -8.91
N LEU A 232 -0.74 -16.25 -8.22
CA LEU A 232 -0.12 -17.55 -8.42
C LEU A 232 -0.22 -17.99 -9.87
N THR A 233 -1.35 -17.70 -10.52
CA THR A 233 -1.51 -18.05 -11.93
C THR A 233 -0.59 -17.23 -12.82
N LEU A 234 -0.39 -15.96 -12.48
CA LEU A 234 0.55 -15.12 -13.21
C LEU A 234 1.97 -15.64 -13.10
N TRP A 235 2.31 -16.24 -11.97
CA TRP A 235 3.69 -16.56 -11.63
C TRP A 235 4.08 -18.01 -11.89
N THR A 236 3.14 -18.86 -12.28
CA THR A 236 3.41 -20.28 -12.44
C THR A 236 2.87 -20.79 -13.78
N PHE B 1 0.83 -6.24 -14.21
CA PHE B 1 1.29 -6.17 -12.81
C PHE B 1 0.44 -7.06 -11.91
N PRO B 2 1.02 -7.54 -10.82
CA PRO B 2 0.29 -8.42 -9.90
C PRO B 2 -0.66 -7.62 -9.02
N ALA B 3 -1.62 -8.33 -8.45
CA ALA B 3 -2.62 -7.72 -7.61
C ALA B 3 -2.13 -7.41 -6.19
N TPO B 4 -2.46 -6.21 -5.73
CA TPO B 4 -2.27 -5.80 -4.33
CB TPO B 4 -1.04 -4.85 -4.17
CG2 TPO B 4 0.25 -5.61 -4.45
OG1 TPO B 4 -1.30 -3.82 -5.11
P TPO B 4 -0.34 -2.52 -5.05
O1P TPO B 4 0.92 -2.81 -5.76
O2P TPO B 4 -1.19 -1.43 -5.86
O3P TPO B 4 -0.13 -2.06 -3.57
C TPO B 4 -3.55 -5.14 -3.88
O TPO B 4 -4.38 -4.73 -4.71
N VAL B 5 -3.74 -5.02 -2.57
N VAL B 5 -3.74 -5.04 -2.58
CA VAL B 5 -4.99 -4.51 -2.05
CA VAL B 5 -4.95 -4.46 -2.06
C VAL B 5 -4.68 -3.49 -0.98
C VAL B 5 -4.63 -3.51 -0.95
C11 S3U C . -13.94 -2.80 6.89
C12 S3U C . -12.93 -3.36 6.10
C02 S3U C . -14.86 3.31 2.47
C04 S3U C . -14.98 2.32 3.61
C05 S3U C . -14.25 1.11 3.71
C06 S3U C . -14.65 0.40 4.99
C07 S3U C . -15.64 1.11 5.72
C09 S3U C . -14.05 -0.94 5.40
C10 S3U C . -14.50 -1.58 6.53
C13 S3U C . -12.52 -2.70 4.95
C15 S3U C . -10.32 -3.95 4.61
C17 S3U C . -9.27 -4.32 3.56
C18 S3U C . -8.47 -5.58 3.93
C19 S3U C . -7.27 -5.74 3.00
C20 S3U C . -6.39 -4.49 2.94
C21 S3U C . -7.18 -3.22 2.64
C22 S3U C . -8.33 -3.10 3.62
C24 S3U C . -10.60 -5.37 1.84
C25 S3U C . -11.38 -6.12 2.71
C26 S3U C . -12.13 -7.20 2.24
C27 S3U C . -12.11 -7.50 0.89
C28 S3U C . -11.33 -6.74 0.01
C29 S3U C . -10.59 -5.66 0.48
C30 S3U C . -13.06 -1.48 4.61
N01 S3U C . -15.72 4.47 2.54
N03 S3U C . -14.07 3.16 1.49
N14 S3U C . -11.45 -3.20 4.08
O16 S3U C . -10.22 -4.23 5.78
O23 S3U C . -9.82 -4.28 2.25
S08 S3U C . -15.97 2.47 4.91
H111 S3U C . -14.27 -3.32 7.78
H121 S3U C . -12.48 -4.31 6.38
H051 S3U C . -13.52 0.75 2.99
H071 S3U C . -16.09 0.79 6.66
H101 S3U C . -15.28 -1.14 7.14
H182 S3U C . -8.13 -5.49 4.95
H181 S3U C . -9.12 -6.45 3.83
H192 S3U C . -6.68 -6.57 3.34
H191 S3U C . -7.64 -5.95 1.98
H202 S3U C . -5.64 -4.62 2.18
H201 S3U C . -5.90 -4.37 3.90
H212 S3U C . -7.56 -3.27 1.62
H211 S3U C . -6.52 -2.36 2.73
H222 S3U C . -8.90 -2.21 3.39
H221 S3U C . -7.93 -3.02 4.62
H251 S3U C . -11.41 -5.86 3.77
H261 S3U C . -12.74 -7.79 2.92
H271 S3U C . -12.69 -8.34 0.51
H281 S3U C . -11.31 -7.00 -1.04
H291 S3U C . -10.01 -5.06 -0.20
H301 S3U C . -12.70 -0.95 3.73
H012 S3U C . -15.69 5.17 1.80
H031 S3U C . -13.48 2.36 1.43
H141 S3U C . -11.50 -3.00 3.10
H011 S3U C . -16.34 4.60 3.32
#